data_6OC7
#
_entry.id   6OC7
#
_cell.length_a   91.132
_cell.length_b   54.388
_cell.length_c   103.081
_cell.angle_alpha   90.00
_cell.angle_beta   90.01
_cell.angle_gamma   90.00
#
_symmetry.space_group_name_H-M   'I 1 2 1'
#
loop_
_entity.id
_entity.type
_entity.pdbx_description
1 polymer 'Heavy chain of HMP42 Fab'
2 polymer 'Light chain for HMP42 Fab'
3 polymer 'Immunoglobulin G-binding protein G'
4 water water
#
loop_
_entity_poly.entity_id
_entity_poly.type
_entity_poly.pdbx_seq_one_letter_code
_entity_poly.pdbx_strand_id
1 'polypeptide(L)'
;QVQLVQSGAEVKKPGASVKVSCKASGYTFTGYYMHWVRQAPGQGLEWMGWINPNSGGTNYAQKFQGRVTMTRDTSISTAY
MELSRLRSDDTAVYYCARDRGREWELESYYYYYYMDVWGKGTTVTVSSASTKGPSVFPLAPSSKSTSGGTAALGCLVKDY
FPEPVTVSWNSGALTSGVHTFPAVLQSSGLYSLSSVVTVPSSSLGTQTYICNVNHKPSNTKVDKKVEPKSC
;
H
2 'polypeptide(L)'
;SYELTQPPSVSVSPGQTARITCSGDALPKQYAYWYQQKPGQAPVLVIYKDSERPSGIPERFSGSSSGTTVTLTISGVQAE
DEADYYCQSADSSGTYVVFGGGTKLTVLGQPKAAPSVTLFPPSSEELQANKATLVCLISDFYPGAVTVAWKADSSPVKAG
VETTTPSKQSNNKYAASSYLSLTPEQWKSHRSYSCQVTHEGSTVEKTVAPTECS
;
L
3 'polypeptide(L)' MTPAVTTYKLVINGKTLKGETTTKAVDAETAEKAFKQYANDNGVDGVWTYDDATKTFTVTEHHHHH C
#
# COMPACT_ATOMS: atom_id res chain seq x y z
N VAL A 2 23.81 -9.53 21.99
CA VAL A 2 22.90 -8.39 22.19
C VAL A 2 21.68 -8.46 21.27
N GLN A 3 20.52 -8.75 21.85
CA GLN A 3 19.34 -9.12 21.07
C GLN A 3 18.08 -8.58 21.73
N LEU A 4 17.10 -8.23 20.90
CA LEU A 4 15.77 -7.80 21.35
C LEU A 4 14.78 -8.72 20.67
N VAL A 5 13.97 -9.43 21.46
CA VAL A 5 13.04 -10.47 20.98
C VAL A 5 11.61 -9.99 21.20
N GLN A 6 10.83 -9.89 20.13
CA GLN A 6 9.49 -9.31 20.21
C GLN A 6 8.41 -10.36 20.08
N SER A 7 7.21 -9.99 20.52
CA SER A 7 6.07 -10.88 20.56
C SER A 7 5.39 -11.02 19.19
N GLY A 8 4.42 -11.93 19.12
CA GLY A 8 3.83 -12.27 17.84
C GLY A 8 2.81 -11.27 17.35
N ALA A 9 2.50 -11.40 16.06
CA ALA A 9 1.57 -10.50 15.39
C ALA A 9 0.20 -10.46 16.06
N GLU A 10 -0.39 -9.28 16.11
CA GLU A 10 -1.66 -9.05 16.78
C GLU A 10 -2.70 -8.63 15.75
N VAL A 11 -3.91 -9.09 15.94
CA VAL A 11 -5.05 -8.85 15.05
C VAL A 11 -6.16 -8.27 15.93
N LYS A 12 -6.52 -7.01 15.67
CA LYS A 12 -7.43 -6.27 16.54
C LYS A 12 -8.50 -5.53 15.76
N LYS A 13 -9.62 -5.25 16.43
CA LYS A 13 -10.65 -4.39 15.85
C LYS A 13 -10.52 -2.98 16.39
N PRO A 14 -10.97 -1.98 15.64
CA PRO A 14 -10.98 -0.61 16.18
C PRO A 14 -11.64 -0.53 17.54
N GLY A 15 -11.04 0.25 18.43
CA GLY A 15 -11.54 0.43 19.76
C GLY A 15 -10.86 -0.46 20.79
N ALA A 16 -10.21 -1.53 20.35
CA ALA A 16 -9.58 -2.48 21.24
C ALA A 16 -8.25 -1.91 21.74
N SER A 17 -7.60 -2.64 22.64
CA SER A 17 -6.25 -2.34 23.08
C SER A 17 -5.33 -3.49 22.71
N VAL A 18 -4.03 -3.21 22.66
CA VAL A 18 -3.04 -4.24 22.37
C VAL A 18 -1.84 -4.01 23.29
N LYS A 19 -1.21 -5.10 23.74
CA LYS A 19 0.02 -5.03 24.52
C LYS A 19 1.04 -5.94 23.85
N VAL A 20 2.18 -5.36 23.45
CA VAL A 20 3.26 -6.12 22.83
C VAL A 20 4.47 -6.05 23.74
N SER A 21 5.38 -7.02 23.55
CA SER A 21 6.51 -7.17 24.46
C SER A 21 7.82 -7.24 23.70
N CYS A 22 8.90 -6.95 24.43
CA CYS A 22 10.25 -6.85 23.88
C CYS A 22 11.19 -7.35 24.96
N LYS A 23 11.78 -8.52 24.76
CA LYS A 23 12.65 -9.13 25.75
C LYS A 23 14.11 -8.93 25.35
N ALA A 24 14.89 -8.38 26.27
CA ALA A 24 16.27 -8.04 26.00
C ALA A 24 17.18 -9.15 26.53
N SER A 25 18.26 -9.41 25.81
CA SER A 25 19.29 -10.32 26.30
C SER A 25 20.64 -9.86 25.80
N GLY A 26 21.69 -10.36 26.45
CA GLY A 26 23.04 -10.07 26.05
C GLY A 26 23.59 -8.74 26.50
N TYR A 27 22.84 -7.98 27.30
CA TYR A 27 23.33 -6.72 27.85
C TYR A 27 22.54 -6.47 29.11
N THR A 28 22.96 -5.44 29.84
CA THR A 28 22.27 -5.05 31.08
C THR A 28 21.02 -4.24 30.75
N PHE A 29 19.84 -4.90 30.82
CA PHE A 29 18.55 -4.30 30.47
C PHE A 29 18.35 -2.94 31.13
N THR A 30 18.62 -2.81 32.42
CA THR A 30 18.34 -1.55 33.10
C THR A 30 19.34 -0.45 32.78
N GLY A 31 20.41 -0.75 32.03
CA GLY A 31 21.41 0.25 31.76
C GLY A 31 21.14 1.16 30.58
N TYR A 32 20.06 0.92 29.84
CA TYR A 32 19.81 1.58 28.56
C TYR A 32 18.32 1.84 28.42
N TYR A 33 17.96 3.04 27.98
CA TYR A 33 16.54 3.30 27.71
C TYR A 33 16.07 2.40 26.56
N MET A 34 14.78 2.13 26.53
CA MET A 34 14.17 1.39 25.43
C MET A 34 13.17 2.31 24.76
N HIS A 35 13.31 2.48 23.46
CA HIS A 35 12.38 3.24 22.65
C HIS A 35 11.41 2.31 21.93
N TRP A 36 10.25 2.85 21.59
CA TRP A 36 9.32 2.18 20.69
C TRP A 36 9.12 3.10 19.50
N VAL A 37 9.21 2.52 18.30
CA VAL A 37 9.14 3.24 17.04
C VAL A 37 8.27 2.38 16.12
N ARG A 38 7.25 2.97 15.49
CA ARG A 38 6.39 2.20 14.61
C ARG A 38 6.50 2.66 13.16
N GLN A 39 6.01 1.83 12.24
CA GLN A 39 6.09 2.14 10.82
C GLN A 39 4.87 1.53 10.14
N ALA A 40 4.00 2.40 9.62
CA ALA A 40 2.84 1.95 8.87
C ALA A 40 3.28 1.53 7.46
N PRO A 41 2.48 0.73 6.76
CA PRO A 41 2.92 0.19 5.47
C PRO A 41 3.24 1.30 4.47
N GLY A 42 4.44 1.22 3.90
CA GLY A 42 4.90 2.20 2.93
C GLY A 42 5.25 3.55 3.50
N GLN A 43 5.23 3.70 4.82
CA GLN A 43 5.42 4.99 5.46
C GLN A 43 6.74 5.03 6.23
N GLY A 44 7.00 6.15 6.88
CA GLY A 44 8.26 6.34 7.57
C GLY A 44 8.21 5.92 9.03
N LEU A 45 9.37 6.03 9.67
CA LEU A 45 9.49 5.72 11.10
C LEU A 45 8.83 6.79 11.94
N GLU A 46 8.11 6.36 12.98
CA GLU A 46 7.40 7.26 13.88
C GLU A 46 7.73 6.91 15.33
N TRP A 47 8.45 7.78 16.03
CA TRP A 47 8.79 7.53 17.42
C TRP A 47 7.56 7.65 18.31
N MET A 48 7.42 6.71 19.24
CA MET A 48 6.30 6.69 20.17
C MET A 48 6.66 7.13 21.56
N GLY A 49 7.88 6.87 22.01
CA GLY A 49 8.27 7.17 23.37
C GLY A 49 9.42 6.29 23.80
N TRP A 50 9.90 6.59 25.02
CA TRP A 50 10.89 5.75 25.65
C TRP A 50 10.50 5.41 27.08
N ILE A 51 11.11 4.35 27.59
CA ILE A 51 11.08 4.01 29.02
C ILE A 51 12.50 3.86 29.53
N ASN A 52 12.72 4.32 30.75
CA ASN A 52 13.93 4.03 31.49
C ASN A 52 13.68 2.73 32.25
N PRO A 53 14.25 1.59 31.83
CA PRO A 53 13.89 0.33 32.49
C PRO A 53 14.37 0.24 33.91
N ASN A 54 15.34 1.07 34.32
CA ASN A 54 15.75 1.08 35.71
C ASN A 54 14.65 1.66 36.60
N SER A 55 14.24 2.89 36.33
CA SER A 55 13.31 3.56 37.22
C SER A 55 11.85 3.34 36.88
N GLY A 56 11.55 2.93 35.65
CA GLY A 56 10.20 2.90 35.15
C GLY A 56 9.72 4.21 34.57
N GLY A 57 10.52 5.26 34.64
CA GLY A 57 10.09 6.54 34.09
C GLY A 57 9.91 6.48 32.59
N THR A 58 8.97 7.24 32.07
CA THR A 58 8.64 7.21 30.65
C THR A 58 8.57 8.62 30.07
N ASN A 59 8.57 8.68 28.74
CA ASN A 59 8.40 9.94 28.02
C ASN A 59 7.77 9.58 26.70
N TYR A 60 6.53 10.01 26.47
CA TYR A 60 5.78 9.64 25.29
C TYR A 60 5.72 10.80 24.30
N ALA A 61 5.66 10.48 23.02
CA ALA A 61 5.31 11.49 22.03
C ALA A 61 3.94 12.05 22.34
N GLN A 62 3.78 13.36 22.23
CA GLN A 62 2.52 14.00 22.62
C GLN A 62 1.34 13.42 21.85
N LYS A 63 1.56 13.02 20.59
CA LYS A 63 0.50 12.43 19.79
C LYS A 63 -0.14 11.22 20.47
N PHE A 64 0.61 10.49 21.29
CA PHE A 64 0.09 9.26 21.88
C PHE A 64 -0.22 9.41 23.36
N GLN A 65 0.10 10.55 23.95
CA GLN A 65 -0.13 10.72 25.38
C GLN A 65 -1.60 10.48 25.71
N GLY A 66 -1.82 9.66 26.74
CA GLY A 66 -3.16 9.34 27.17
C GLY A 66 -3.71 8.07 26.55
N ARG A 67 -2.97 7.52 25.60
CA ARG A 67 -3.39 6.31 24.89
C ARG A 67 -2.31 5.22 24.87
N VAL A 68 -1.07 5.55 25.19
CA VAL A 68 0.02 4.59 25.23
C VAL A 68 0.54 4.47 26.66
N THR A 69 0.92 3.25 27.05
CA THR A 69 1.53 3.01 28.34
C THR A 69 2.73 2.11 28.10
N MET A 70 3.91 2.54 28.51
CA MET A 70 5.10 1.69 28.47
C MET A 70 5.45 1.26 29.88
N THR A 71 5.73 -0.04 30.05
CA THR A 71 6.11 -0.60 31.33
C THR A 71 7.27 -1.56 31.13
N ARG A 72 7.79 -2.08 32.23
CA ARG A 72 8.85 -3.09 32.16
C ARG A 72 8.76 -3.99 33.37
N ASP A 73 9.32 -5.18 33.19
CA ASP A 73 9.54 -6.13 34.28
C ASP A 73 11.02 -6.48 34.24
N THR A 74 11.79 -5.94 35.19
CA THR A 74 13.23 -6.15 35.15
C THR A 74 13.63 -7.59 35.46
N SER A 75 12.77 -8.32 36.19
CA SER A 75 13.12 -9.69 36.58
C SER A 75 13.23 -10.58 35.36
N ILE A 76 12.51 -10.25 34.28
CA ILE A 76 12.56 -10.99 33.03
C ILE A 76 13.07 -10.13 31.87
N SER A 77 13.72 -9.01 32.18
CA SER A 77 14.32 -8.10 31.19
C SER A 77 13.38 -7.81 30.02
N THR A 78 12.12 -7.52 30.32
CA THR A 78 11.11 -7.33 29.28
C THR A 78 10.45 -5.96 29.37
N ALA A 79 10.34 -5.30 28.22
CA ALA A 79 9.61 -4.05 28.08
C ALA A 79 8.30 -4.30 27.36
N TYR A 80 7.27 -3.52 27.72
CA TYR A 80 5.94 -3.66 27.12
C TYR A 80 5.44 -2.32 26.63
N MET A 81 4.65 -2.37 25.56
CA MET A 81 3.98 -1.19 25.03
C MET A 81 2.52 -1.57 24.85
N GLU A 82 1.64 -0.85 25.53
CA GLU A 82 0.20 -1.04 25.41
C GLU A 82 -0.40 0.19 24.75
N LEU A 83 -1.15 0.00 23.67
CA LEU A 83 -1.80 1.08 22.95
C LEU A 83 -3.30 0.83 22.94
N SER A 84 -4.06 1.81 23.39
CA SER A 84 -5.50 1.67 23.53
C SER A 84 -6.24 2.46 22.48
N ARG A 85 -7.55 2.26 22.45
CA ARG A 85 -8.44 2.97 21.52
C ARG A 85 -7.91 2.88 20.10
N LEU A 86 -7.64 1.65 19.69
CA LEU A 86 -6.97 1.42 18.43
C LEU A 86 -7.81 1.90 17.25
N ARG A 87 -7.14 2.40 16.23
CA ARG A 87 -7.74 2.85 14.99
C ARG A 87 -7.06 2.11 13.84
N SER A 88 -7.71 2.10 12.68
CA SER A 88 -7.14 1.39 11.56
C SER A 88 -5.75 1.91 11.20
N ASP A 89 -5.53 3.21 11.34
CA ASP A 89 -4.22 3.76 11.01
C ASP A 89 -3.17 3.53 12.11
N ASP A 90 -3.50 2.78 13.16
CA ASP A 90 -2.48 2.22 14.04
C ASP A 90 -1.87 0.95 13.47
N THR A 91 -2.35 0.48 12.31
CA THR A 91 -1.79 -0.71 11.70
C THR A 91 -0.35 -0.42 11.28
N ALA A 92 0.60 -1.19 11.80
CA ALA A 92 2.01 -0.84 11.64
C ALA A 92 2.84 -1.97 12.19
N VAL A 93 4.14 -1.95 11.86
CA VAL A 93 5.15 -2.73 12.60
C VAL A 93 5.61 -1.89 13.76
N TYR A 94 5.59 -2.45 14.96
CA TYR A 94 6.04 -1.77 16.20
C TYR A 94 7.39 -2.34 16.59
N TYR A 95 8.43 -1.52 16.52
CA TYR A 95 9.78 -1.92 16.90
C TYR A 95 10.11 -1.44 18.30
N CYS A 96 10.78 -2.28 19.07
CA CYS A 96 11.52 -1.75 20.20
C CYS A 96 12.96 -1.55 19.77
N ALA A 97 13.62 -0.58 20.37
CA ALA A 97 14.99 -0.30 19.97
C ALA A 97 15.74 0.21 21.18
N ARG A 98 16.93 -0.32 21.40
CA ARG A 98 17.71 0.07 22.56
C ARG A 98 18.37 1.42 22.32
N ASP A 99 18.29 2.30 23.31
CA ASP A 99 18.99 3.58 23.28
C ASP A 99 20.45 3.32 23.61
N ARG A 100 21.35 3.97 22.86
CA ARG A 100 22.75 3.80 23.18
C ARG A 100 23.23 4.85 24.17
N GLY A 101 22.87 6.11 23.94
CA GLY A 101 23.31 7.22 24.78
C GLY A 101 22.87 7.14 26.22
N TYR A 113 20.10 10.66 22.68
CA TYR A 113 19.04 9.68 22.38
C TYR A 113 19.10 9.20 20.94
N TYR A 114 19.47 7.93 20.76
CA TYR A 114 19.51 7.30 19.45
C TYR A 114 19.54 5.80 19.67
N MET A 115 19.24 5.04 18.61
CA MET A 115 18.84 3.65 18.74
C MET A 115 19.84 2.75 18.02
N ASP A 116 20.67 2.03 18.79
CA ASP A 116 21.72 1.24 18.17
C ASP A 116 21.35 -0.20 17.86
N VAL A 117 20.41 -0.81 18.56
CA VAL A 117 19.98 -2.18 18.34
C VAL A 117 18.47 -2.19 18.25
N TRP A 118 17.92 -2.81 17.21
CA TRP A 118 16.49 -2.83 16.96
C TRP A 118 15.97 -4.26 17.01
N GLY A 119 14.79 -4.42 17.57
CA GLY A 119 14.08 -5.68 17.45
C GLY A 119 13.58 -5.88 16.03
N LYS A 120 13.05 -7.07 15.78
CA LYS A 120 12.54 -7.38 14.45
C LYS A 120 11.16 -6.80 14.19
N GLY A 121 10.48 -6.30 15.21
CA GLY A 121 9.17 -5.70 15.08
C GLY A 121 8.05 -6.70 15.29
N THR A 122 6.93 -6.17 15.78
CA THR A 122 5.69 -6.91 15.93
C THR A 122 4.63 -6.20 15.10
N THR A 123 3.98 -6.91 14.20
CA THR A 123 2.87 -6.30 13.45
C THR A 123 1.63 -6.24 14.32
N VAL A 124 0.97 -5.10 14.31
CA VAL A 124 -0.38 -4.96 14.85
C VAL A 124 -1.27 -4.55 13.69
N THR A 125 -2.30 -5.35 13.41
CA THR A 125 -3.22 -5.05 12.32
C THR A 125 -4.57 -4.75 12.91
N VAL A 126 -5.11 -3.57 12.61
CA VAL A 126 -6.38 -3.09 13.16
C VAL A 126 -7.35 -2.93 11.99
N SER A 127 -8.43 -3.72 11.99
CA SER A 127 -9.34 -3.68 10.87
C SER A 127 -10.73 -4.03 11.34
N SER A 128 -11.73 -3.36 10.76
CA SER A 128 -13.12 -3.70 11.00
C SER A 128 -13.71 -4.56 9.89
N ALA A 129 -12.91 -4.97 8.92
CA ALA A 129 -13.45 -5.65 7.75
C ALA A 129 -13.76 -7.11 8.05
N SER A 130 -14.77 -7.65 7.34
CA SER A 130 -15.05 -9.07 7.37
C SER A 130 -14.98 -9.63 5.96
N THR A 131 -14.89 -10.96 5.85
CA THR A 131 -14.77 -11.62 4.56
C THR A 131 -15.83 -11.16 3.58
N LYS A 132 -15.40 -10.85 2.35
CA LYS A 132 -16.29 -10.29 1.34
C LYS A 132 -15.71 -10.59 -0.03
N GLY A 133 -16.53 -11.17 -0.91
CA GLY A 133 -16.05 -11.47 -2.25
C GLY A 133 -16.02 -10.23 -3.12
N PRO A 134 -15.17 -10.22 -4.14
CA PRO A 134 -15.01 -9.01 -4.96
C PRO A 134 -16.16 -8.82 -5.95
N SER A 135 -16.37 -7.56 -6.29
CA SER A 135 -17.09 -7.18 -7.49
CA SER A 135 -17.09 -7.26 -7.51
C SER A 135 -16.07 -7.11 -8.61
N VAL A 136 -16.43 -7.50 -9.82
CA VAL A 136 -15.45 -7.53 -10.90
C VAL A 136 -16.01 -6.73 -12.06
N PHE A 137 -15.29 -5.67 -12.46
CA PHE A 137 -15.72 -4.76 -13.50
C PHE A 137 -14.70 -4.72 -14.63
N PRO A 138 -15.13 -4.43 -15.85
CA PRO A 138 -14.18 -4.33 -16.95
C PRO A 138 -13.45 -2.99 -16.96
N LEU A 139 -12.19 -3.05 -17.34
CA LEU A 139 -11.38 -1.87 -17.67
C LEU A 139 -11.32 -1.89 -19.20
N ALA A 140 -12.18 -1.10 -19.84
CA ALA A 140 -12.44 -1.27 -21.25
C ALA A 140 -11.22 -0.84 -22.06
N PRO A 141 -10.96 -1.52 -23.18
CA PRO A 141 -9.71 -1.30 -23.91
C PRO A 141 -9.45 0.15 -24.25
N SER A 142 -8.19 0.53 -24.03
CA SER A 142 -7.68 1.88 -24.15
C SER A 142 -6.37 1.81 -24.91
N SER A 143 -6.10 2.83 -25.71
CA SER A 143 -4.85 2.85 -26.48
C SER A 143 -3.65 2.89 -25.53
N LYS A 144 -2.77 1.89 -25.63
CA LYS A 144 -1.55 1.89 -24.82
C LYS A 144 -0.41 2.58 -25.57
N SER A 145 0.17 1.89 -26.56
CA SER A 145 1.17 2.47 -27.44
C SER A 145 0.55 2.58 -28.83
N THR A 146 0.29 3.81 -29.27
CA THR A 146 -0.19 4.01 -30.63
C THR A 146 0.84 3.52 -31.64
N SER A 147 2.10 3.92 -31.46
CA SER A 147 3.16 3.49 -32.37
C SER A 147 3.34 1.98 -32.34
N GLY A 148 3.10 1.35 -31.19
CA GLY A 148 3.23 -0.08 -31.04
C GLY A 148 2.04 -0.89 -31.51
N GLY A 149 0.91 -0.23 -31.75
CA GLY A 149 -0.30 -0.90 -32.17
C GLY A 149 -0.98 -1.71 -31.08
N THR A 150 -0.76 -1.37 -29.81
CA THR A 150 -1.31 -2.16 -28.71
C THR A 150 -2.40 -1.39 -27.96
N ALA A 151 -3.22 -2.17 -27.27
CA ALA A 151 -4.23 -1.66 -26.37
C ALA A 151 -4.08 -2.33 -25.03
N ALA A 152 -4.50 -1.65 -23.98
CA ALA A 152 -4.57 -2.21 -22.64
C ALA A 152 -6.02 -2.38 -22.26
N LEU A 153 -6.35 -3.55 -21.72
CA LEU A 153 -7.70 -3.82 -21.23
C LEU A 153 -7.54 -4.63 -19.95
N GLY A 154 -8.56 -4.64 -19.10
CA GLY A 154 -8.33 -5.32 -17.84
C GLY A 154 -9.59 -5.54 -17.05
N CYS A 155 -9.37 -5.96 -15.80
CA CYS A 155 -10.46 -6.12 -14.83
C CYS A 155 -10.08 -5.45 -13.54
N LEU A 156 -11.06 -4.75 -13.00
CA LEU A 156 -11.02 -4.15 -11.68
C LEU A 156 -11.69 -5.13 -10.72
N VAL A 157 -10.93 -5.56 -9.72
CA VAL A 157 -11.40 -6.54 -8.73
C VAL A 157 -11.57 -5.75 -7.44
N LYS A 158 -12.80 -5.43 -7.10
CA LYS A 158 -13.10 -4.34 -6.18
C LYS A 158 -13.71 -4.85 -4.88
N ASP A 159 -13.28 -4.25 -3.77
CA ASP A 159 -14.01 -4.34 -2.51
C ASP A 159 -14.08 -5.76 -1.95
N TYR A 160 -12.93 -6.40 -1.83
CA TYR A 160 -12.86 -7.75 -1.27
C TYR A 160 -12.02 -7.78 0.02
N PHE A 161 -12.22 -8.85 0.78
CA PHE A 161 -11.41 -9.04 1.99
C PHE A 161 -11.49 -10.51 2.36
N PRO A 162 -10.39 -11.14 2.82
CA PRO A 162 -9.01 -10.64 2.89
C PRO A 162 -8.28 -10.85 1.58
N GLU A 163 -7.03 -10.40 1.51
CA GLU A 163 -6.10 -10.78 0.46
C GLU A 163 -5.79 -12.26 0.60
N PRO A 164 -5.33 -12.93 -0.47
CA PRO A 164 -5.14 -12.41 -1.83
C PRO A 164 -6.28 -12.84 -2.74
N VAL A 165 -6.22 -12.38 -3.96
CA VAL A 165 -7.04 -12.94 -5.01
CA VAL A 165 -7.04 -12.88 -5.05
C VAL A 165 -6.10 -13.42 -6.10
N THR A 166 -6.52 -14.44 -6.83
CA THR A 166 -5.77 -14.93 -7.97
C THR A 166 -6.49 -14.50 -9.23
N VAL A 167 -5.75 -14.00 -10.22
CA VAL A 167 -6.30 -13.60 -11.52
C VAL A 167 -5.55 -14.33 -12.62
N SER A 168 -6.28 -14.92 -13.56
CA SER A 168 -5.73 -15.39 -14.81
C SER A 168 -6.55 -14.80 -15.95
N TRP A 169 -6.10 -15.05 -17.17
CA TRP A 169 -6.77 -14.59 -18.37
C TRP A 169 -7.01 -15.75 -19.31
N ASN A 170 -8.23 -15.80 -19.84
CA ASN A 170 -8.63 -16.85 -20.78
C ASN A 170 -8.32 -18.24 -20.24
N SER A 171 -8.54 -18.42 -18.95
CA SER A 171 -8.39 -19.71 -18.28
C SER A 171 -6.97 -20.25 -18.42
N GLY A 172 -5.99 -19.33 -18.45
CA GLY A 172 -4.60 -19.72 -18.53
C GLY A 172 -4.03 -19.76 -19.93
N ALA A 173 -4.87 -19.57 -20.95
CA ALA A 173 -4.42 -19.54 -22.33
C ALA A 173 -3.77 -18.22 -22.71
N LEU A 174 -4.01 -17.15 -21.95
CA LEU A 174 -3.42 -15.84 -22.24
C LEU A 174 -2.52 -15.50 -21.07
N THR A 175 -1.21 -15.52 -21.32
CA THR A 175 -0.21 -15.26 -20.30
C THR A 175 0.77 -14.17 -20.65
N SER A 176 0.99 -13.89 -21.93
CA SER A 176 1.94 -12.86 -22.33
C SER A 176 1.29 -11.49 -22.24
N GLY A 177 2.05 -10.51 -21.73
CA GLY A 177 1.52 -9.16 -21.62
C GLY A 177 0.55 -8.94 -20.47
N VAL A 178 0.52 -9.82 -19.48
CA VAL A 178 -0.37 -9.68 -18.34
C VAL A 178 0.38 -8.95 -17.24
N HIS A 179 -0.28 -7.99 -16.62
CA HIS A 179 0.27 -7.30 -15.46
C HIS A 179 -0.83 -7.19 -14.41
N THR A 180 -0.73 -7.96 -13.35
CA THR A 180 -1.63 -7.85 -12.22
C THR A 180 -0.95 -6.99 -11.16
N PHE A 181 -1.59 -5.88 -10.80
CA PHE A 181 -1.01 -4.88 -9.91
C PHE A 181 -1.28 -5.26 -8.46
N PRO A 182 -0.36 -4.95 -7.57
CA PRO A 182 -0.65 -5.08 -6.13
C PRO A 182 -1.90 -4.32 -5.74
N ALA A 183 -2.62 -4.84 -4.74
CA ALA A 183 -3.87 -4.28 -4.30
C ALA A 183 -3.66 -3.02 -3.49
N VAL A 184 -4.65 -2.16 -3.51
CA VAL A 184 -4.74 -1.01 -2.61
C VAL A 184 -5.64 -1.40 -1.44
N LEU A 185 -5.28 -0.93 -0.24
CA LEU A 185 -6.16 -1.04 0.91
C LEU A 185 -6.93 0.26 1.05
N GLN A 186 -8.24 0.20 0.87
CA GLN A 186 -9.06 1.41 0.93
C GLN A 186 -9.42 1.76 2.38
N SER A 187 -9.90 2.99 2.57
CA SER A 187 -10.27 3.42 3.92
C SER A 187 -11.45 2.62 4.47
N SER A 188 -12.21 1.96 3.60
CA SER A 188 -13.28 1.10 4.05
C SER A 188 -12.76 -0.18 4.69
N GLY A 189 -11.47 -0.46 4.56
CA GLY A 189 -10.93 -1.71 5.04
C GLY A 189 -10.93 -2.82 4.01
N LEU A 190 -11.49 -2.57 2.83
CA LEU A 190 -11.52 -3.54 1.76
C LEU A 190 -10.42 -3.26 0.75
N TYR A 191 -10.02 -4.28 0.03
CA TYR A 191 -8.99 -4.19 -0.99
C TYR A 191 -9.59 -4.05 -2.37
N SER A 192 -8.81 -3.46 -3.27
CA SER A 192 -9.10 -3.52 -4.69
C SER A 192 -7.80 -3.72 -5.45
N LEU A 193 -7.89 -4.44 -6.56
CA LEU A 193 -6.73 -4.54 -7.46
C LEU A 193 -7.19 -4.48 -8.88
N SER A 194 -6.23 -4.35 -9.78
CA SER A 194 -6.49 -4.39 -11.21
C SER A 194 -5.51 -5.33 -11.89
N SER A 195 -6.01 -6.00 -12.92
CA SER A 195 -5.16 -6.81 -13.78
C SER A 195 -5.39 -6.36 -15.20
N VAL A 196 -4.31 -6.13 -15.94
CA VAL A 196 -4.39 -5.60 -17.30
CA VAL A 196 -4.44 -5.65 -17.31
C VAL A 196 -3.61 -6.51 -18.24
N VAL A 197 -4.10 -6.68 -19.46
CA VAL A 197 -3.35 -7.33 -20.51
CA VAL A 197 -3.36 -7.33 -20.52
C VAL A 197 -3.17 -6.35 -21.66
N THR A 198 -1.96 -6.33 -22.22
CA THR A 198 -1.63 -5.52 -23.38
C THR A 198 -1.69 -6.43 -24.60
N VAL A 199 -2.53 -6.07 -25.57
CA VAL A 199 -2.84 -6.93 -26.71
C VAL A 199 -2.80 -6.11 -27.99
N PRO A 200 -2.76 -6.74 -29.15
CA PRO A 200 -2.83 -5.94 -30.38
C PRO A 200 -4.21 -5.29 -30.49
N SER A 201 -4.22 -4.00 -30.84
CA SER A 201 -5.49 -3.30 -31.00
C SER A 201 -6.35 -3.96 -32.06
N SER A 202 -5.72 -4.50 -33.12
CA SER A 202 -6.47 -5.16 -34.17
C SER A 202 -7.25 -6.38 -33.69
N SER A 203 -6.89 -6.92 -32.53
CA SER A 203 -7.54 -8.13 -32.03
C SER A 203 -8.84 -7.86 -31.31
N LEU A 204 -9.14 -6.58 -31.01
CA LEU A 204 -10.29 -6.29 -30.15
C LEU A 204 -11.61 -6.70 -30.77
N GLY A 205 -11.73 -6.70 -32.10
CA GLY A 205 -12.99 -7.19 -32.62
C GLY A 205 -13.09 -8.69 -32.81
N THR A 206 -12.01 -9.43 -32.61
CA THR A 206 -11.99 -10.84 -33.00
C THR A 206 -11.64 -11.81 -31.88
N GLN A 207 -10.78 -11.43 -30.94
CA GLN A 207 -10.41 -12.30 -29.83
C GLN A 207 -11.24 -11.90 -28.62
N THR A 208 -11.72 -12.88 -27.88
CA THR A 208 -12.41 -12.64 -26.62
C THR A 208 -11.41 -12.66 -25.46
N TYR A 209 -11.58 -11.72 -24.52
CA TYR A 209 -10.71 -11.60 -23.36
C TYR A 209 -11.54 -11.71 -22.09
N ILE A 210 -11.23 -12.70 -21.26
CA ILE A 210 -11.97 -12.99 -20.03
C ILE A 210 -10.98 -13.08 -18.88
N CYS A 211 -11.18 -12.29 -17.85
CA CYS A 211 -10.37 -12.47 -16.65
C CYS A 211 -11.05 -13.44 -15.70
N ASN A 212 -10.28 -14.33 -15.14
CA ASN A 212 -10.75 -15.36 -14.21
C ASN A 212 -10.25 -14.97 -12.82
N VAL A 213 -11.19 -14.65 -11.93
CA VAL A 213 -10.89 -14.14 -10.59
C VAL A 213 -11.29 -15.20 -9.58
N ASN A 214 -10.37 -15.59 -8.67
CA ASN A 214 -10.69 -16.55 -7.63
C ASN A 214 -10.35 -15.94 -6.28
N HIS A 215 -11.35 -15.82 -5.44
CA HIS A 215 -11.18 -15.36 -4.06
C HIS A 215 -11.68 -16.48 -3.16
N LYS A 216 -10.77 -17.40 -2.83
CA LYS A 216 -11.19 -18.58 -2.09
C LYS A 216 -11.78 -18.29 -0.71
N PRO A 217 -11.35 -17.27 0.04
CA PRO A 217 -11.93 -17.08 1.38
C PRO A 217 -13.42 -16.86 1.37
N SER A 218 -13.96 -16.34 0.27
CA SER A 218 -15.39 -16.11 0.13
C SER A 218 -16.03 -17.10 -0.83
N ASN A 219 -15.25 -18.07 -1.31
CA ASN A 219 -15.73 -19.08 -2.27
C ASN A 219 -16.22 -18.41 -3.56
N THR A 220 -15.61 -17.32 -3.94
CA THR A 220 -16.05 -16.56 -5.11
C THR A 220 -15.10 -16.84 -6.26
N LYS A 221 -15.64 -17.32 -7.37
CA LYS A 221 -14.84 -17.63 -8.54
C LYS A 221 -15.66 -17.16 -9.73
N VAL A 222 -15.23 -16.07 -10.34
CA VAL A 222 -16.02 -15.46 -11.42
C VAL A 222 -15.12 -15.17 -12.60
N ASP A 223 -15.74 -15.12 -13.78
CA ASP A 223 -15.09 -14.83 -15.04
C ASP A 223 -15.80 -13.63 -15.67
N LYS A 224 -15.03 -12.59 -16.01
CA LYS A 224 -15.60 -11.38 -16.57
C LYS A 224 -15.04 -11.17 -17.98
N LYS A 225 -15.94 -11.16 -18.96
CA LYS A 225 -15.58 -10.88 -20.35
C LYS A 225 -15.44 -9.37 -20.49
N VAL A 226 -14.34 -8.92 -21.05
CA VAL A 226 -14.02 -7.51 -21.19
C VAL A 226 -14.22 -7.15 -22.66
N GLU A 227 -15.37 -6.58 -22.96
CA GLU A 227 -15.69 -6.25 -24.33
C GLU A 227 -15.19 -4.84 -24.67
N PRO A 228 -14.92 -4.60 -25.95
CA PRO A 228 -14.50 -3.25 -26.36
C PRO A 228 -15.74 -2.38 -26.55
N LYS A 229 -16.24 -1.81 -25.46
CA LYS A 229 -17.48 -1.03 -25.48
C LYS A 229 -17.49 -0.13 -24.25
N SER A 230 -18.32 0.91 -24.31
CA SER A 230 -18.51 1.81 -23.16
C SER A 230 -19.85 1.66 -22.47
N CYS A 231 -20.85 1.10 -23.15
CA CYS A 231 -22.22 1.15 -22.67
C CYS A 231 -22.74 -0.28 -22.51
N TYR B 2 7.92 20.03 15.73
CA TYR B 2 9.23 20.17 15.09
C TYR B 2 9.46 19.07 14.07
N GLU B 3 10.07 19.42 12.93
CA GLU B 3 10.20 18.50 11.81
C GLU B 3 11.59 18.56 11.21
N LEU B 4 12.04 17.40 10.73
CA LEU B 4 13.25 17.27 9.93
C LEU B 4 12.85 17.00 8.48
N THR B 5 13.52 17.67 7.56
CA THR B 5 13.16 17.62 6.15
C THR B 5 14.28 16.95 5.35
N GLN B 6 13.94 15.85 4.67
CA GLN B 6 14.89 15.24 3.75
C GLN B 6 14.18 14.99 2.43
N PRO B 7 14.93 14.95 1.33
CA PRO B 7 14.30 14.76 0.01
C PRO B 7 13.67 13.39 -0.10
N PRO B 8 12.54 13.25 -0.79
CA PRO B 8 11.92 11.92 -0.89
C PRO B 8 12.78 10.91 -1.62
N SER B 9 13.59 11.34 -2.59
CA SER B 9 14.34 10.39 -3.42
C SER B 9 15.64 11.02 -3.89
N VAL B 10 16.70 10.19 -3.96
CA VAL B 10 17.99 10.56 -4.52
C VAL B 10 18.45 9.38 -5.36
N SER B 11 18.98 9.66 -6.55
CA SER B 11 19.59 8.58 -7.31
C SER B 11 21.03 8.92 -7.67
N VAL B 12 21.84 7.87 -7.78
CA VAL B 12 23.26 7.97 -8.09
C VAL B 12 23.63 6.74 -8.89
N SER B 13 24.70 6.88 -9.75
CA SER B 13 25.22 5.71 -10.41
C SER B 13 26.26 5.01 -9.53
N PRO B 14 26.46 3.70 -9.72
CA PRO B 14 27.50 3.00 -8.96
C PRO B 14 28.85 3.72 -9.09
N GLY B 15 29.54 3.88 -7.96
CA GLY B 15 30.84 4.49 -7.95
C GLY B 15 30.81 5.99 -7.71
N GLN B 16 29.66 6.63 -7.87
CA GLN B 16 29.57 8.04 -7.57
C GLN B 16 29.40 8.25 -6.06
N THR B 17 29.44 9.50 -5.65
CA THR B 17 29.21 9.86 -4.24
C THR B 17 27.75 10.22 -4.06
N ALA B 18 27.07 9.51 -3.17
CA ALA B 18 25.69 9.84 -2.85
C ALA B 18 25.69 10.82 -1.68
N ARG B 19 24.81 11.82 -1.74
CA ARG B 19 24.61 12.74 -0.64
C ARG B 19 23.12 12.85 -0.34
N ILE B 20 22.77 12.71 0.93
CA ILE B 20 21.39 12.88 1.37
C ILE B 20 21.39 13.93 2.47
N THR B 21 20.59 14.98 2.30
CA THR B 21 20.54 16.05 3.29
C THR B 21 19.34 15.88 4.21
N CYS B 22 19.43 16.51 5.37
CA CYS B 22 18.36 16.53 6.36
C CYS B 22 18.43 17.89 7.02
N SER B 23 17.33 18.64 6.99
CA SER B 23 17.31 20.01 7.51
C SER B 23 16.34 20.14 8.65
N GLY B 24 16.70 21.00 9.62
CA GLY B 24 15.80 21.27 10.72
C GLY B 24 16.33 22.40 11.59
N ASP B 25 15.42 23.20 12.14
CA ASP B 25 15.81 24.41 12.87
C ASP B 25 16.58 24.09 14.14
N ALA B 26 16.37 22.90 14.72
CA ALA B 26 17.01 22.54 15.97
C ALA B 26 18.33 21.79 15.77
N LEU B 27 18.70 21.48 14.52
CA LEU B 27 19.95 20.77 14.29
C LEU B 27 21.22 21.49 14.73
N PRO B 28 21.33 22.82 14.75
CA PRO B 28 22.63 23.40 15.13
C PRO B 28 23.22 22.89 16.44
N LYS B 29 22.39 22.75 17.48
CA LYS B 29 22.88 22.27 18.77
C LYS B 29 22.19 20.99 19.21
N GLN B 30 21.72 20.19 18.26
CA GLN B 30 21.25 18.83 18.51
C GLN B 30 22.04 17.90 17.60
N TYR B 31 22.39 16.73 18.10
CA TYR B 31 23.04 15.76 17.24
C TYR B 31 22.05 15.11 16.30
N ALA B 32 22.54 14.72 15.13
CA ALA B 32 21.76 13.96 14.16
C ALA B 32 22.30 12.53 14.04
N TYR B 33 21.41 11.64 13.60
CA TYR B 33 21.67 10.21 13.48
C TYR B 33 21.07 9.76 12.16
N TRP B 34 21.67 8.76 11.53
CA TRP B 34 21.16 8.24 10.26
C TRP B 34 20.95 6.74 10.33
N TYR B 35 19.83 6.28 9.78
CA TYR B 35 19.50 4.87 9.73
C TYR B 35 19.26 4.42 8.31
N GLN B 36 19.73 3.23 7.98
CA GLN B 36 19.48 2.58 6.70
C GLN B 36 18.40 1.52 6.89
N GLN B 37 17.46 1.43 5.96
CA GLN B 37 16.43 0.39 6.04
C GLN B 37 16.21 -0.25 4.69
N LYS B 38 16.41 -1.56 4.61
CA LYS B 38 16.14 -2.33 3.40
C LYS B 38 14.83 -3.07 3.55
N PRO B 39 14.22 -3.51 2.46
CA PRO B 39 12.87 -4.09 2.58
C PRO B 39 12.85 -5.31 3.48
N GLY B 40 11.80 -5.41 4.28
CA GLY B 40 11.61 -6.50 5.20
C GLY B 40 12.46 -6.46 6.44
N GLN B 41 13.25 -5.41 6.64
CA GLN B 41 14.23 -5.38 7.72
C GLN B 41 13.98 -4.19 8.64
N ALA B 42 14.45 -4.34 9.87
CA ALA B 42 14.52 -3.22 10.79
C ALA B 42 15.60 -2.23 10.34
N PRO B 43 15.47 -0.97 10.73
CA PRO B 43 16.54 0.01 10.50
C PRO B 43 17.85 -0.39 11.13
N VAL B 44 18.93 0.13 10.56
CA VAL B 44 20.31 -0.08 11.03
C VAL B 44 20.97 1.29 11.17
N LEU B 45 21.55 1.57 12.34
CA LEU B 45 22.26 2.83 12.54
C LEU B 45 23.54 2.87 11.67
N VAL B 46 23.69 3.90 10.85
CA VAL B 46 24.88 4.04 10.02
C VAL B 46 25.75 5.23 10.37
N ILE B 47 25.21 6.29 10.97
CA ILE B 47 26.00 7.44 11.43
C ILE B 47 25.37 7.94 12.72
N TYR B 48 26.18 8.31 13.72
CA TYR B 48 25.65 8.87 14.94
C TYR B 48 26.43 10.13 15.32
N LYS B 49 25.80 10.98 16.12
CA LYS B 49 26.45 12.21 16.59
C LYS B 49 27.04 12.99 15.41
N ASP B 50 26.22 13.15 14.37
CA ASP B 50 26.51 13.91 13.15
C ASP B 50 27.48 13.23 12.20
N SER B 51 28.56 12.65 12.73
CA SER B 51 29.67 12.27 11.86
C SER B 51 30.43 11.04 12.33
N GLU B 52 29.99 10.35 13.38
CA GLU B 52 30.67 9.16 13.84
C GLU B 52 30.03 7.92 13.22
N ARG B 53 30.85 6.92 12.94
CA ARG B 53 30.44 5.75 12.22
C ARG B 53 30.49 4.55 13.15
N PRO B 54 29.41 3.78 13.28
CA PRO B 54 29.48 2.56 14.08
C PRO B 54 30.53 1.62 13.50
N SER B 55 31.15 0.84 14.38
CA SER B 55 32.35 0.11 14.03
C SER B 55 32.12 -0.97 12.97
N GLY B 56 30.90 -1.45 12.79
CA GLY B 56 30.64 -2.46 11.78
C GLY B 56 30.18 -1.95 10.45
N ILE B 57 30.06 -0.64 10.28
CA ILE B 57 29.51 -0.04 9.06
C ILE B 57 30.67 0.29 8.12
N PRO B 58 30.52 0.07 6.80
CA PRO B 58 31.61 0.38 5.87
C PRO B 58 32.10 1.82 5.96
N GLU B 59 33.41 2.00 5.82
CA GLU B 59 33.95 3.33 5.98
C GLU B 59 33.58 4.29 4.86
N ARG B 60 32.96 3.81 3.75
CA ARG B 60 32.47 4.73 2.74
C ARG B 60 31.29 5.58 3.23
N PHE B 61 30.71 5.25 4.38
CA PHE B 61 29.65 6.05 4.98
C PHE B 61 30.28 7.12 5.86
N SER B 62 29.87 8.37 5.65
CA SER B 62 30.33 9.46 6.50
C SER B 62 29.20 10.46 6.70
N GLY B 63 29.36 11.35 7.67
CA GLY B 63 28.36 12.35 7.96
C GLY B 63 29.01 13.68 8.25
N SER B 64 28.27 14.75 7.98
CA SER B 64 28.79 16.08 8.27
C SER B 64 27.64 16.99 8.68
N SER B 65 27.99 18.05 9.40
CA SER B 65 27.04 19.02 9.96
C SER B 65 27.40 20.41 9.45
N SER B 66 26.37 21.16 9.07
CA SER B 66 26.56 22.58 8.75
C SER B 66 25.29 23.30 9.19
N GLY B 67 25.26 23.68 10.46
CA GLY B 67 24.16 24.48 10.96
C GLY B 67 22.88 23.70 10.94
N THR B 68 21.92 24.18 10.16
CA THR B 68 20.59 23.59 10.13
C THR B 68 20.46 22.45 9.14
N THR B 69 21.54 22.06 8.47
CA THR B 69 21.51 20.92 7.55
C THR B 69 22.63 19.96 7.90
N VAL B 70 22.29 18.67 7.98
CA VAL B 70 23.28 17.58 8.07
C VAL B 70 23.22 16.75 6.80
N THR B 71 24.33 16.11 6.47
CA THR B 71 24.46 15.35 5.22
C THR B 71 25.04 13.98 5.52
N LEU B 72 24.40 12.95 4.95
CA LEU B 72 24.93 11.60 4.91
C LEU B 72 25.60 11.44 3.55
N THR B 73 26.88 11.09 3.54
CA THR B 73 27.65 10.94 2.30
C THR B 73 28.08 9.49 2.18
N ILE B 74 27.84 8.89 1.03
CA ILE B 74 28.34 7.55 0.74
C ILE B 74 29.27 7.68 -0.45
N SER B 75 30.56 7.52 -0.23
CA SER B 75 31.51 7.61 -1.33
C SER B 75 31.58 6.26 -2.03
N GLY B 76 31.87 6.30 -3.33
CA GLY B 76 32.03 5.06 -4.07
C GLY B 76 30.85 4.14 -3.86
N VAL B 77 29.65 4.66 -4.10
CA VAL B 77 28.43 3.96 -3.70
C VAL B 77 28.31 2.61 -4.41
N GLN B 78 27.82 1.63 -3.69
CA GLN B 78 27.67 0.26 -4.16
C GLN B 78 26.20 -0.08 -4.32
N ALA B 79 25.91 -1.08 -5.15
CA ALA B 79 24.52 -1.48 -5.36
C ALA B 79 23.84 -1.84 -4.05
N GLU B 80 24.56 -2.48 -3.13
CA GLU B 80 24.02 -2.87 -1.84
C GLU B 80 23.67 -1.68 -0.94
N ASP B 81 24.07 -0.46 -1.31
CA ASP B 81 23.71 0.72 -0.52
C ASP B 81 22.32 1.26 -0.87
N GLU B 82 21.69 0.74 -1.91
CA GLU B 82 20.31 1.11 -2.21
C GLU B 82 19.41 0.72 -1.05
N ALA B 83 18.66 1.68 -0.53
CA ALA B 83 17.90 1.51 0.70
C ALA B 83 17.15 2.80 0.96
N ASP B 84 16.26 2.77 1.95
CA ASP B 84 15.70 3.99 2.53
C ASP B 84 16.62 4.46 3.64
N TYR B 85 16.81 5.76 3.73
CA TYR B 85 17.62 6.35 4.78
C TYR B 85 16.80 7.37 5.54
N TYR B 86 16.87 7.31 6.88
CA TYR B 86 16.13 8.20 7.75
C TYR B 86 17.12 8.97 8.62
N CYS B 87 16.96 10.28 8.64
CA CYS B 87 17.65 11.04 9.66
C CYS B 87 16.78 11.15 10.91
N GLN B 88 17.45 11.41 12.04
CA GLN B 88 16.79 11.43 13.33
C GLN B 88 17.51 12.41 14.24
N SER B 89 16.76 13.11 15.08
CA SER B 89 17.36 13.99 16.06
C SER B 89 16.34 14.14 17.17
N ALA B 90 16.26 15.35 17.71
CA ALA B 90 15.29 15.69 18.73
C ALA B 90 14.93 17.15 18.56
N ASP B 91 13.84 17.55 19.20
CA ASP B 91 13.44 18.95 19.19
C ASP B 91 14.45 19.81 19.94
N SER B 93 14.51 21.37 22.68
CA SER B 93 14.67 21.12 24.10
C SER B 93 15.22 19.71 24.36
N GLY B 94 15.32 18.93 23.28
CA GLY B 94 15.87 17.59 23.41
C GLY B 94 15.03 16.64 24.23
N THR B 95 13.71 16.77 24.13
CA THR B 95 12.80 15.95 24.91
C THR B 95 12.00 14.95 24.09
N TYR B 96 11.74 15.24 22.81
CA TYR B 96 11.13 14.25 21.94
C TYR B 96 12.04 13.95 20.76
N VAL B 97 12.09 12.69 20.41
CA VAL B 97 12.86 12.20 19.28
C VAL B 97 12.04 12.45 18.03
N VAL B 98 12.69 12.86 16.94
CA VAL B 98 12.00 13.09 15.67
C VAL B 98 12.76 12.39 14.56
N PHE B 99 12.03 11.77 13.63
CA PHE B 99 12.61 11.22 12.42
C PHE B 99 12.22 12.09 11.22
N GLY B 100 13.15 12.24 10.27
CA GLY B 100 12.80 12.74 8.96
C GLY B 100 11.88 11.78 8.23
N GLY B 101 11.35 12.23 7.09
CA GLY B 101 10.40 11.42 6.38
C GLY B 101 10.96 10.27 5.57
N GLY B 102 12.28 10.17 5.48
CA GLY B 102 12.96 9.14 4.70
C GLY B 102 13.31 9.58 3.30
N THR B 103 14.42 9.06 2.81
CA THR B 103 14.88 9.26 1.44
C THR B 103 15.11 7.90 0.82
N LYS B 104 14.46 7.60 -0.32
CA LYS B 104 14.79 6.40 -1.05
C LYS B 104 16.02 6.66 -1.91
N LEU B 105 17.10 5.97 -1.62
CA LEU B 105 18.32 6.07 -2.43
C LEU B 105 18.32 4.93 -3.44
N THR B 106 18.22 5.29 -4.73
CA THR B 106 18.37 4.33 -5.81
C THR B 106 19.79 4.38 -6.35
N VAL B 107 20.43 3.21 -6.41
CA VAL B 107 21.72 3.09 -7.08
C VAL B 107 21.41 2.58 -8.48
N LEU B 108 21.56 3.47 -9.46
CA LEU B 108 21.02 3.23 -10.80
C LEU B 108 21.63 1.98 -11.44
N GLY B 109 20.77 1.07 -11.87
CA GLY B 109 21.18 -0.16 -12.52
C GLY B 109 20.72 -0.25 -13.95
N GLN B 110 20.04 0.78 -14.41
CA GLN B 110 19.53 0.88 -15.77
C GLN B 110 19.16 2.35 -16.03
N PRO B 111 18.88 2.74 -17.28
CA PRO B 111 18.51 4.13 -17.51
C PRO B 111 17.20 4.52 -16.83
N LYS B 112 17.11 5.78 -16.43
CA LYS B 112 15.83 6.30 -15.95
C LYS B 112 14.74 6.11 -17.01
N ALA B 113 13.53 5.86 -16.53
CA ALA B 113 12.40 5.52 -17.39
C ALA B 113 11.15 6.20 -16.85
N ALA B 114 10.49 6.97 -17.69
CA ALA B 114 9.26 7.64 -17.28
C ALA B 114 8.10 6.64 -17.20
N PRO B 115 7.10 6.92 -16.38
CA PRO B 115 5.97 5.98 -16.25
C PRO B 115 5.11 5.92 -17.51
N SER B 116 4.63 4.72 -17.79
CA SER B 116 3.51 4.53 -18.68
C SER B 116 2.26 4.64 -17.83
N VAL B 117 1.28 5.43 -18.28
CA VAL B 117 0.07 5.69 -17.51
C VAL B 117 -1.13 5.30 -18.35
N THR B 118 -2.00 4.47 -17.80
CA THR B 118 -3.28 4.15 -18.43
C THR B 118 -4.38 4.50 -17.46
N LEU B 119 -5.33 5.31 -17.90
CA LEU B 119 -6.48 5.72 -17.10
C LEU B 119 -7.76 5.14 -17.68
N PHE B 120 -8.54 4.45 -16.86
CA PHE B 120 -9.80 3.85 -17.24
C PHE B 120 -10.97 4.55 -16.57
N PRO B 121 -12.06 4.78 -17.30
CA PRO B 121 -13.28 5.33 -16.71
C PRO B 121 -14.07 4.25 -16.01
N PRO B 122 -15.09 4.63 -15.24
CA PRO B 122 -16.01 3.62 -14.69
C PRO B 122 -16.75 2.89 -15.78
N SER B 123 -17.04 1.61 -15.52
CA SER B 123 -17.82 0.80 -16.42
C SER B 123 -19.31 1.09 -16.27
N SER B 124 -20.07 0.79 -17.33
CA SER B 124 -21.51 0.96 -17.26
C SER B 124 -22.10 0.13 -16.12
N GLU B 125 -21.60 -1.10 -15.92
CA GLU B 125 -22.19 -1.94 -14.88
C GLU B 125 -21.89 -1.40 -13.48
N GLU B 126 -20.73 -0.79 -13.26
CA GLU B 126 -20.49 -0.18 -11.96
C GLU B 126 -21.41 1.02 -11.74
N LEU B 127 -21.61 1.84 -12.79
CA LEU B 127 -22.55 2.95 -12.68
C LEU B 127 -23.96 2.44 -12.36
N GLN B 128 -24.35 1.31 -12.97
CA GLN B 128 -25.65 0.70 -12.64
C GLN B 128 -25.73 0.29 -11.17
N ALA B 129 -24.61 -0.11 -10.58
CA ALA B 129 -24.47 -0.46 -9.17
C ALA B 129 -24.35 0.77 -8.27
N ASN B 130 -24.54 1.97 -8.84
CA ASN B 130 -24.56 3.22 -8.08
C ASN B 130 -23.18 3.59 -7.53
N LYS B 131 -22.13 3.21 -8.25
CA LYS B 131 -20.75 3.51 -7.86
C LYS B 131 -19.97 3.95 -9.09
N ALA B 132 -18.77 4.48 -8.87
CA ALA B 132 -17.94 4.89 -10.00
C ALA B 132 -16.49 4.92 -9.52
N THR B 133 -15.63 4.16 -10.17
CA THR B 133 -14.22 4.11 -9.80
C THR B 133 -13.40 4.42 -11.06
N LEU B 134 -12.55 5.41 -10.97
CA LEU B 134 -11.53 5.66 -11.99
C LEU B 134 -10.24 4.99 -11.57
N VAL B 135 -9.57 4.36 -12.53
CA VAL B 135 -8.42 3.51 -12.26
C VAL B 135 -7.24 4.02 -13.07
N CYS B 136 -6.19 4.47 -12.37
CA CYS B 136 -4.97 4.99 -12.97
C CYS B 136 -3.84 4.00 -12.70
N LEU B 137 -3.40 3.31 -13.74
CA LEU B 137 -2.36 2.27 -13.63
C LEU B 137 -1.05 2.81 -14.17
N ILE B 138 0.00 2.68 -13.37
CA ILE B 138 1.26 3.37 -13.60
C ILE B 138 2.36 2.30 -13.63
N SER B 139 3.09 2.18 -14.72
CA SER B 139 4.04 1.08 -14.85
C SER B 139 5.33 1.50 -15.53
N ASP B 140 6.32 0.61 -15.38
CA ASP B 140 7.61 0.73 -16.09
C ASP B 140 8.37 2.00 -15.74
N PHE B 141 8.24 2.50 -14.51
CA PHE B 141 9.00 3.70 -14.15
C PHE B 141 10.23 3.34 -13.31
N TYR B 142 11.28 4.15 -13.45
CA TYR B 142 12.52 3.91 -12.74
C TYR B 142 13.28 5.23 -12.67
N PRO B 143 13.75 5.66 -11.50
CA PRO B 143 13.61 5.03 -10.17
C PRO B 143 12.16 4.90 -9.72
N GLY B 144 12.00 4.14 -8.64
CA GLY B 144 10.69 3.73 -8.17
C GLY B 144 9.98 4.69 -7.22
N ALA B 145 9.78 5.94 -7.64
CA ALA B 145 9.02 6.88 -6.84
C ALA B 145 8.23 7.78 -7.78
N VAL B 146 6.93 7.93 -7.48
CA VAL B 146 6.04 8.82 -8.21
C VAL B 146 5.11 9.50 -7.22
N THR B 147 4.56 10.62 -7.65
CA THR B 147 3.42 11.22 -6.96
C THR B 147 2.28 11.35 -7.95
N VAL B 148 1.05 11.25 -7.46
CA VAL B 148 -0.15 11.22 -8.28
C VAL B 148 -1.06 12.34 -7.84
N ALA B 149 -1.60 13.07 -8.81
CA ALA B 149 -2.59 14.10 -8.54
C ALA B 149 -3.79 13.87 -9.46
N TRP B 150 -4.99 14.06 -8.94
CA TRP B 150 -6.18 13.90 -9.74
C TRP B 150 -6.86 15.25 -9.92
N LYS B 151 -7.58 15.37 -11.04
CA LYS B 151 -8.32 16.60 -11.35
C LYS B 151 -9.71 16.24 -11.84
N ALA B 152 -10.69 17.01 -11.36
CA ALA B 152 -12.05 17.00 -11.86
C ALA B 152 -12.14 18.22 -12.75
N ASP B 153 -12.32 18.01 -14.06
CA ASP B 153 -12.09 19.09 -15.02
C ASP B 153 -10.72 19.69 -14.73
N SER B 154 -10.63 20.97 -14.46
CA SER B 154 -9.34 21.59 -14.16
C SER B 154 -9.03 21.67 -12.67
N SER B 155 -9.93 21.21 -11.78
CA SER B 155 -9.81 21.46 -10.34
C SER B 155 -9.17 20.26 -9.63
N PRO B 156 -8.24 20.47 -8.72
CA PRO B 156 -7.67 19.35 -7.95
C PRO B 156 -8.77 18.66 -7.16
N VAL B 157 -8.67 17.34 -7.08
CA VAL B 157 -9.55 16.56 -6.22
C VAL B 157 -8.69 15.68 -5.34
N LYS B 158 -8.89 15.79 -4.03
CA LYS B 158 -8.18 14.98 -3.05
C LYS B 158 -9.04 13.92 -2.38
N ALA B 159 -10.34 14.17 -2.25
CA ALA B 159 -11.22 13.21 -1.60
C ALA B 159 -11.41 11.98 -2.48
N GLY B 160 -11.49 10.82 -1.85
CA GLY B 160 -11.76 9.59 -2.56
C GLY B 160 -10.59 9.00 -3.31
N VAL B 161 -9.38 9.46 -3.05
CA VAL B 161 -8.17 8.97 -3.72
C VAL B 161 -7.47 7.95 -2.83
N GLU B 162 -7.12 6.81 -3.42
N GLU B 162 -7.09 6.81 -3.40
CA GLU B 162 -6.33 5.77 -2.76
CA GLU B 162 -6.28 5.84 -2.68
C GLU B 162 -5.22 5.38 -3.72
C GLU B 162 -5.24 5.30 -3.65
N THR B 163 -3.97 5.44 -3.27
CA THR B 163 -2.83 5.17 -4.14
C THR B 163 -1.92 4.17 -3.45
N THR B 164 -1.46 3.18 -4.20
CA THR B 164 -0.55 2.18 -3.64
C THR B 164 0.87 2.70 -3.55
N THR B 165 1.65 2.06 -2.69
N THR B 165 1.66 2.00 -2.71
CA THR B 165 3.07 2.22 -2.75
CA THR B 165 3.11 2.15 -2.69
C THR B 165 3.58 1.70 -4.10
C THR B 165 3.71 1.54 -3.95
N PRO B 166 4.75 2.16 -4.53
CA PRO B 166 5.38 1.56 -5.71
C PRO B 166 5.93 0.19 -5.37
N SER B 167 5.86 -0.72 -6.34
CA SER B 167 6.35 -2.08 -6.18
C SER B 167 7.22 -2.45 -7.38
N LYS B 168 8.30 -3.18 -7.14
CA LYS B 168 9.22 -3.54 -8.20
C LYS B 168 8.62 -4.66 -9.05
N GLN B 169 8.74 -4.50 -10.37
CA GLN B 169 8.35 -5.43 -11.41
C GLN B 169 9.48 -6.40 -11.74
N SER B 170 9.15 -7.42 -12.52
CA SER B 170 10.17 -8.41 -12.89
C SER B 170 11.27 -7.82 -13.77
N ASN B 171 11.05 -6.67 -14.39
CA ASN B 171 12.08 -6.02 -15.21
C ASN B 171 12.86 -4.98 -14.42
N ASN B 172 12.70 -4.95 -13.10
CA ASN B 172 13.38 -4.04 -12.18
C ASN B 172 12.90 -2.60 -12.26
N LYS B 173 11.95 -2.30 -13.13
CA LYS B 173 11.22 -1.04 -13.05
C LYS B 173 10.06 -1.22 -12.06
N TYR B 174 9.22 -0.21 -11.92
CA TYR B 174 8.24 -0.18 -10.84
C TYR B 174 6.85 0.11 -11.36
N ALA B 175 5.87 -0.29 -10.54
CA ALA B 175 4.45 -0.13 -10.80
C ALA B 175 3.76 0.46 -9.59
N ALA B 176 2.65 1.16 -9.84
CA ALA B 176 1.77 1.65 -8.78
C ALA B 176 0.39 1.84 -9.39
N SER B 177 -0.61 2.00 -8.52
CA SER B 177 -1.95 2.25 -9.02
C SER B 177 -2.62 3.27 -8.13
N SER B 178 -3.55 4.04 -8.72
CA SER B 178 -4.29 5.04 -7.95
C SER B 178 -5.75 4.93 -8.35
N TYR B 179 -6.65 5.02 -7.39
CA TYR B 179 -8.09 4.81 -7.57
C TYR B 179 -8.79 6.06 -7.07
N LEU B 180 -9.71 6.58 -7.88
CA LEU B 180 -10.57 7.69 -7.47
C LEU B 180 -12.01 7.22 -7.43
N SER B 181 -12.62 7.29 -6.26
CA SER B 181 -14.01 6.92 -6.06
C SER B 181 -14.91 8.15 -6.18
N LEU B 182 -15.94 8.05 -7.02
CA LEU B 182 -16.89 9.12 -7.24
C LEU B 182 -18.31 8.57 -7.14
N THR B 183 -19.29 9.46 -6.96
CA THR B 183 -20.66 9.05 -7.22
C THR B 183 -20.90 9.08 -8.71
N PRO B 184 -21.86 8.30 -9.22
CA PRO B 184 -22.20 8.44 -10.65
C PRO B 184 -22.56 9.86 -11.03
N GLU B 185 -23.21 10.61 -10.12
CA GLU B 185 -23.59 11.98 -10.42
C GLU B 185 -22.36 12.87 -10.61
N GLN B 186 -21.35 12.70 -9.75
CA GLN B 186 -20.11 13.45 -9.93
C GLN B 186 -19.46 13.13 -11.25
N TRP B 187 -19.35 11.84 -11.57
CA TRP B 187 -18.71 11.42 -12.81
C TRP B 187 -19.40 12.07 -14.01
N LYS B 188 -20.74 12.03 -14.04
CA LYS B 188 -21.49 12.53 -15.18
C LYS B 188 -21.50 14.05 -15.28
N SER B 189 -21.29 14.75 -14.17
CA SER B 189 -21.46 16.19 -14.13
C SER B 189 -20.20 16.94 -14.55
N HIS B 190 -19.06 16.27 -14.71
CA HIS B 190 -17.84 16.90 -15.19
C HIS B 190 -17.60 16.54 -16.63
N ARG B 191 -16.87 17.39 -17.33
CA ARG B 191 -16.48 17.14 -18.70
C ARG B 191 -15.40 16.07 -18.79
N SER B 192 -14.49 16.03 -17.81
CA SER B 192 -13.44 15.01 -17.81
C SER B 192 -12.85 14.93 -16.42
N TYR B 193 -12.12 13.85 -16.18
CA TYR B 193 -11.23 13.70 -15.03
C TYR B 193 -9.85 13.34 -15.54
N SER B 194 -8.82 13.72 -14.79
CA SER B 194 -7.44 13.42 -15.18
C SER B 194 -6.65 12.86 -14.02
N CYS B 195 -5.71 11.98 -14.37
CA CYS B 195 -4.69 11.47 -13.46
C CYS B 195 -3.34 11.97 -13.95
N GLN B 196 -2.59 12.63 -13.06
CA GLN B 196 -1.31 13.24 -13.41
C GLN B 196 -0.24 12.59 -12.55
N VAL B 197 0.75 11.98 -13.18
CA VAL B 197 1.78 11.22 -12.47
C VAL B 197 3.10 11.96 -12.65
N THR B 198 3.72 12.36 -11.54
CA THR B 198 4.97 13.08 -11.58
C THR B 198 6.10 12.12 -11.20
N HIS B 199 7.12 12.09 -12.04
CA HIS B 199 8.28 11.22 -11.85
C HIS B 199 9.51 12.02 -12.23
N GLU B 200 10.50 12.09 -11.34
CA GLU B 200 11.75 12.78 -11.65
C GLU B 200 11.49 14.18 -12.18
N GLY B 201 10.50 14.86 -11.61
CA GLY B 201 10.24 16.25 -11.99
C GLY B 201 9.49 16.45 -13.29
N SER B 202 9.01 15.40 -13.94
CA SER B 202 8.27 15.50 -15.19
C SER B 202 6.92 14.80 -15.02
N THR B 203 5.86 15.35 -15.61
CA THR B 203 4.51 14.86 -15.38
C THR B 203 3.93 14.21 -16.64
N VAL B 204 3.28 13.06 -16.46
CA VAL B 204 2.54 12.36 -17.50
C VAL B 204 1.08 12.38 -17.08
N GLU B 205 0.19 12.85 -17.97
CA GLU B 205 -1.23 13.05 -17.66
C GLU B 205 -2.07 12.25 -18.64
N LYS B 206 -3.09 11.56 -18.12
CA LYS B 206 -4.13 10.98 -18.95
C LYS B 206 -5.49 11.49 -18.48
N THR B 207 -6.44 11.54 -19.43
CA THR B 207 -7.77 12.10 -19.17
C THR B 207 -8.82 11.15 -19.73
N VAL B 208 -9.95 11.05 -19.03
CA VAL B 208 -11.10 10.30 -19.53
C VAL B 208 -12.36 11.14 -19.34
N ALA B 209 -13.40 10.79 -20.08
CA ALA B 209 -14.64 11.55 -20.06
C ALA B 209 -15.83 10.60 -20.05
N PRO B 210 -16.97 11.05 -19.51
CA PRO B 210 -18.16 10.17 -19.51
C PRO B 210 -18.69 9.95 -20.91
N THR B 211 -19.37 8.82 -21.09
CA THR B 211 -20.08 8.52 -22.32
C THR B 211 -21.57 8.73 -22.09
N GLU B 212 -22.22 9.40 -23.02
CA GLU B 212 -23.67 9.52 -22.98
C GLU B 212 -24.24 8.32 -23.72
N CYS B 213 -24.72 7.33 -22.97
CA CYS B 213 -25.22 6.10 -23.53
C CYS B 213 -26.69 6.26 -23.90
N SER B 214 -27.02 5.95 -25.15
CA SER B 214 -28.39 5.98 -25.61
C SER B 214 -28.96 4.63 -25.29
N VAL C 5 -26.95 -22.60 10.55
CA VAL C 5 -26.95 -22.14 9.16
C VAL C 5 -26.51 -23.26 8.24
N THR C 6 -26.82 -23.10 6.97
CA THR C 6 -26.29 -23.98 5.93
C THR C 6 -25.87 -23.13 4.75
N THR C 7 -25.14 -23.76 3.84
CA THR C 7 -24.54 -23.07 2.71
C THR C 7 -25.45 -23.14 1.49
N TYR C 8 -25.64 -22.00 0.86
CA TYR C 8 -26.33 -21.88 -0.42
C TYR C 8 -25.35 -21.42 -1.48
N LYS C 9 -25.65 -21.76 -2.73
CA LYS C 9 -24.79 -21.39 -3.84
C LYS C 9 -25.50 -20.40 -4.74
N LEU C 10 -24.70 -19.54 -5.38
CA LEU C 10 -25.18 -18.65 -6.43
C LEU C 10 -24.41 -18.92 -7.70
N VAL C 11 -25.12 -19.17 -8.79
CA VAL C 11 -24.55 -19.18 -10.13
C VAL C 11 -24.99 -17.91 -10.84
N ILE C 12 -24.02 -17.17 -11.35
CA ILE C 12 -24.28 -15.97 -12.15
C ILE C 12 -24.11 -16.33 -13.60
N ASN C 13 -25.17 -16.19 -14.39
CA ASN C 13 -25.13 -16.40 -15.83
C ASN C 13 -25.46 -15.07 -16.50
N GLY C 14 -24.52 -14.12 -16.36
CA GLY C 14 -24.68 -12.80 -16.95
C GLY C 14 -24.21 -12.73 -18.38
N LYS C 15 -24.48 -11.60 -19.01
CA LYS C 15 -23.98 -11.36 -20.35
C LYS C 15 -22.45 -11.37 -20.39
N THR C 16 -21.80 -10.77 -19.39
CA THR C 16 -20.35 -10.76 -19.33
C THR C 16 -19.78 -11.26 -18.02
N LEU C 17 -20.55 -11.33 -16.94
CA LEU C 17 -20.06 -11.92 -15.71
C LEU C 17 -20.66 -13.30 -15.54
N LYS C 18 -19.82 -14.30 -15.40
CA LYS C 18 -20.29 -15.67 -15.16
C LYS C 18 -19.50 -16.23 -14.00
N GLY C 19 -20.11 -17.00 -13.15
CA GLY C 19 -19.33 -17.65 -12.10
C GLY C 19 -20.20 -17.91 -10.89
N GLU C 20 -19.56 -17.98 -9.73
CA GLU C 20 -20.24 -18.48 -8.54
C GLU C 20 -19.74 -17.83 -7.28
N THR C 21 -20.60 -17.87 -6.26
CA THR C 21 -20.20 -17.57 -4.89
C THR C 21 -21.09 -18.39 -3.95
N THR C 22 -20.89 -18.23 -2.65
CA THR C 22 -21.66 -18.93 -1.64
C THR C 22 -22.08 -17.95 -0.55
N THR C 23 -23.05 -18.38 0.25
CA THR C 23 -23.39 -17.67 1.48
C THR C 23 -23.95 -18.67 2.48
N LYS C 24 -23.83 -18.36 3.76
CA LYS C 24 -24.43 -19.17 4.82
C LYS C 24 -25.62 -18.45 5.40
N ALA C 25 -26.74 -19.15 5.53
CA ALA C 25 -27.95 -18.51 6.05
C ALA C 25 -28.85 -19.53 6.72
N VAL C 26 -29.78 -19.02 7.53
CA VAL C 26 -30.74 -19.87 8.19
C VAL C 26 -31.78 -20.43 7.22
N ASP C 27 -31.95 -19.83 6.05
CA ASP C 27 -32.92 -20.30 5.07
C ASP C 27 -32.59 -19.73 3.71
N ALA C 28 -33.30 -20.22 2.70
CA ALA C 28 -33.05 -19.77 1.35
C ALA C 28 -33.43 -18.30 1.16
N GLU C 29 -34.50 -17.87 1.83
CA GLU C 29 -34.96 -16.49 1.71
C GLU C 29 -33.87 -15.51 2.12
N THR C 30 -33.15 -15.83 3.20
CA THR C 30 -32.11 -14.94 3.70
C THR C 30 -30.87 -15.01 2.79
N ALA C 31 -30.52 -16.22 2.34
CA ALA C 31 -29.45 -16.36 1.35
C ALA C 31 -29.75 -15.53 0.12
N GLU C 32 -31.00 -15.53 -0.34
CA GLU C 32 -31.33 -14.80 -1.56
C GLU C 32 -31.02 -13.31 -1.41
N LYS C 33 -31.32 -12.73 -0.26
CA LYS C 33 -31.04 -11.32 -0.04
C LYS C 33 -29.55 -11.04 -0.12
N ALA C 34 -28.71 -11.91 0.45
CA ALA C 34 -27.26 -11.70 0.34
C ALA C 34 -26.82 -11.81 -1.11
N PHE C 35 -27.36 -12.78 -1.85
CA PHE C 35 -26.95 -12.93 -3.23
C PHE C 35 -27.42 -11.77 -4.10
N LYS C 36 -28.62 -11.25 -3.85
CA LYS C 36 -29.09 -10.08 -4.59
C LYS C 36 -28.18 -8.88 -4.35
N GLN C 37 -27.72 -8.71 -3.11
CA GLN C 37 -26.78 -7.64 -2.83
C GLN C 37 -25.48 -7.84 -3.61
N TYR C 38 -24.93 -9.05 -3.62
CA TYR C 38 -23.69 -9.32 -4.34
C TYR C 38 -23.87 -9.06 -5.83
N ALA C 39 -24.93 -9.59 -6.41
CA ALA C 39 -25.17 -9.38 -7.83
C ALA C 39 -25.41 -7.91 -8.14
N ASN C 40 -26.16 -7.21 -7.29
CA ASN C 40 -26.38 -5.78 -7.52
C ASN C 40 -25.07 -5.04 -7.51
N ASP C 41 -24.18 -5.40 -6.58
CA ASP C 41 -22.88 -4.72 -6.50
C ASP C 41 -22.03 -4.96 -7.73
N ASN C 42 -22.30 -6.03 -8.49
CA ASN C 42 -21.63 -6.27 -9.76
C ASN C 42 -22.35 -5.66 -10.97
N GLY C 43 -23.45 -4.94 -10.73
CA GLY C 43 -24.19 -4.37 -11.85
C GLY C 43 -25.00 -5.37 -12.64
N VAL C 44 -25.23 -6.57 -12.06
CA VAL C 44 -26.03 -7.59 -12.74
C VAL C 44 -27.49 -7.19 -12.65
N ASP C 45 -28.24 -7.38 -13.74
CA ASP C 45 -29.68 -7.07 -13.75
C ASP C 45 -30.35 -8.21 -14.50
N GLY C 46 -30.85 -9.18 -13.76
CA GLY C 46 -31.30 -10.40 -14.39
C GLY C 46 -32.51 -11.05 -13.74
N VAL C 47 -32.81 -12.27 -14.19
CA VAL C 47 -33.95 -13.06 -13.73
C VAL C 47 -33.44 -14.10 -12.73
N TRP C 48 -34.12 -14.23 -11.60
CA TRP C 48 -33.71 -15.08 -10.49
C TRP C 48 -34.55 -16.35 -10.44
N THR C 49 -33.87 -17.49 -10.32
CA THR C 49 -34.51 -18.79 -10.16
C THR C 49 -33.81 -19.51 -9.02
N TYR C 50 -34.49 -20.50 -8.45
CA TYR C 50 -33.95 -21.25 -7.33
C TYR C 50 -34.20 -22.73 -7.56
N ASP C 51 -33.17 -23.52 -7.29
CA ASP C 51 -33.19 -24.97 -7.42
C ASP C 51 -33.05 -25.54 -6.01
N ASP C 52 -34.17 -25.96 -5.44
CA ASP C 52 -34.14 -26.46 -4.07
C ASP C 52 -33.44 -27.81 -3.94
N ALA C 53 -33.31 -28.56 -5.03
CA ALA C 53 -32.63 -29.85 -4.94
C ALA C 53 -31.14 -29.69 -4.66
N THR C 54 -30.54 -28.54 -5.02
CA THR C 54 -29.10 -28.34 -4.85
C THR C 54 -28.80 -27.07 -4.08
N LYS C 55 -29.81 -26.38 -3.58
CA LYS C 55 -29.62 -25.12 -2.85
C LYS C 55 -28.88 -24.09 -3.72
N THR C 56 -29.19 -24.04 -5.01
CA THR C 56 -28.53 -23.11 -5.93
C THR C 56 -29.54 -22.06 -6.41
N PHE C 57 -29.22 -20.78 -6.19
CA PHE C 57 -29.86 -19.68 -6.89
C PHE C 57 -29.08 -19.42 -8.17
N THR C 58 -29.81 -19.07 -9.24
CA THR C 58 -29.20 -18.63 -10.48
C THR C 58 -29.78 -17.27 -10.85
N VAL C 59 -28.92 -16.35 -11.27
CA VAL C 59 -29.35 -15.07 -11.82
C VAL C 59 -28.87 -15.02 -13.27
N THR C 60 -29.80 -14.82 -14.20
CA THR C 60 -29.55 -14.96 -15.63
C THR C 60 -29.88 -13.66 -16.33
N GLU C 61 -28.94 -13.15 -17.12
CA GLU C 61 -29.19 -12.04 -18.03
C GLU C 61 -29.38 -12.55 -19.45
N HIS C 62 -30.37 -11.99 -20.13
CA HIS C 62 -30.52 -12.05 -21.61
C HIS C 62 -31.88 -11.54 -22.07
#